data_9FZS
#
_entry.id   9FZS
#
_cell.length_a   145.097
_cell.length_b   145.097
_cell.length_c   145.097
_cell.angle_alpha   90
_cell.angle_beta   90
_cell.angle_gamma   90
#
_symmetry.space_group_name_H-M   'I 2 3'
#
loop_
_entity.id
_entity.type
_entity.pdbx_description
1 polymer 'Epidermal growth factor receptor'
2 non-polymer 1-[(3~{R})-3-[4-[(3-chloranyl-4-fluoranyl-phenyl)amino]-7-methoxy-quinazolin-6-yl]oxypyrrolidin-1-yl]prop-2-en-1-one
3 water water
#
_entity_poly.entity_id   1
_entity_poly.type   'polypeptide(L)'
_entity_poly.pdbx_seq_one_letter_code
;GPGEAPNQALLRILKETEFKKIKVLGSGAFGTVYKGLWIPEGEKVKIPVAIKELREATSPKANKEILDEAYVMASVDNPH
VCRLLGICLTSTVQLITQLMPFGCLLDYVREHKDNIGSQYLLNWCVQIAKGMNYLEDRRLVHRDLAARNVLVKTPQHVKI
TDFGLAKLLGAEEKEYHAEGGKVPIKWMALESILHRIYTHQSDVWSYGVTVWELMTFGSKPYDGIPASEISSILEKGERL
PQPPICTIDVYMIMVKCWMIDADSRPKFRELIIEFSKMARDPQRYLVIQGDERMHLPSPTDSNFYRALMDEEDMDDVVDA
DEYLIPQQG
;
_entity_poly.pdbx_strand_id   A
#
loop_
_chem_comp.id
_chem_comp.type
_chem_comp.name
_chem_comp.formula
A1IHD non-polymer 1-[(3~{R})-3-[4-[(3-chloranyl-4-fluoranyl-phenyl)amino]-7-methoxy-quinazolin-6-yl]oxypyrrolidin-1-yl]prop-2-en-1-one 'C22 H20 Cl F N4 O3'
#
# COMPACT_ATOMS: atom_id res chain seq x y z
N GLY A 3 22.23 -11.55 -17.35
CA GLY A 3 22.77 -10.44 -16.54
C GLY A 3 21.85 -10.09 -15.37
N GLU A 4 20.60 -9.83 -15.70
CA GLU A 4 19.49 -9.89 -14.78
C GLU A 4 18.38 -10.57 -15.56
N ALA A 5 17.42 -11.19 -14.86
CA ALA A 5 16.32 -11.89 -15.48
C ALA A 5 15.44 -10.93 -16.28
N PRO A 6 15.04 -11.35 -17.50
CA PRO A 6 14.13 -10.56 -18.32
C PRO A 6 12.76 -10.35 -17.71
N ASN A 7 12.29 -9.11 -17.77
CA ASN A 7 10.98 -8.80 -17.24
C ASN A 7 9.92 -9.08 -18.32
N GLN A 8 9.32 -10.26 -18.27
CA GLN A 8 8.36 -10.63 -19.28
C GLN A 8 6.92 -10.28 -18.92
N ALA A 9 6.71 -9.29 -18.05
CA ALA A 9 5.36 -8.83 -17.78
C ALA A 9 4.72 -8.31 -19.07
N LEU A 10 3.39 -8.46 -19.14
CA LEU A 10 2.59 -7.99 -20.23
C LEU A 10 2.07 -6.59 -19.87
N LEU A 11 2.19 -5.65 -20.80
CA LEU A 11 1.56 -4.35 -20.64
C LEU A 11 0.33 -4.34 -21.53
N ARG A 12 -0.85 -4.37 -20.93
CA ARG A 12 -2.10 -4.43 -21.69
C ARG A 12 -2.57 -3.00 -22.00
N ILE A 13 -2.80 -2.73 -23.29
CA ILE A 13 -3.39 -1.48 -23.75
C ILE A 13 -4.89 -1.71 -23.89
N LEU A 14 -5.69 -0.91 -23.18
CA LEU A 14 -7.12 -1.13 -23.09
C LEU A 14 -7.84 0.02 -23.80
N LYS A 15 -8.82 -0.33 -24.65
CA LYS A 15 -9.58 0.66 -25.38
C LYS A 15 -10.49 1.42 -24.43
N GLU A 16 -10.61 2.74 -24.67
CA GLU A 16 -11.41 3.64 -23.86
C GLU A 16 -12.89 3.24 -23.83
N THR A 17 -13.36 2.57 -24.89
CA THR A 17 -14.76 2.20 -25.02
C THR A 17 -15.12 0.98 -24.17
N GLU A 18 -14.17 0.42 -23.40
CA GLU A 18 -14.50 -0.71 -22.53
C GLU A 18 -14.72 -0.27 -21.08
N PHE A 19 -14.65 1.02 -20.78
CA PHE A 19 -14.80 1.53 -19.43
C PHE A 19 -16.06 2.39 -19.26
N LYS A 20 -16.89 2.06 -18.26
CA LYS A 20 -18.19 2.68 -18.05
C LYS A 20 -18.31 3.19 -16.62
N LYS A 21 -19.41 3.91 -16.34
CA LYS A 21 -19.87 4.30 -15.00
C LYS A 21 -18.77 5.01 -14.19
N ILE A 22 -18.11 5.97 -14.86
CA ILE A 22 -16.88 6.56 -14.39
C ILE A 22 -17.24 7.69 -13.41
N LYS A 23 -16.80 7.56 -12.14
CA LYS A 23 -17.16 8.45 -11.03
C LYS A 23 -15.92 8.75 -10.16
N VAL A 24 -15.84 9.97 -9.62
CA VAL A 24 -14.60 10.45 -9.03
C VAL A 24 -14.44 9.89 -7.62
N LEU A 25 -13.22 9.45 -7.30
CA LEU A 25 -12.91 9.03 -5.94
C LEU A 25 -12.09 10.10 -5.25
N GLY A 26 -11.28 10.86 -6.00
CA GLY A 26 -10.51 11.92 -5.37
C GLY A 26 -9.61 12.62 -6.37
N SER A 27 -9.03 13.75 -5.93
CA SER A 27 -8.26 14.62 -6.81
C SER A 27 -7.19 15.36 -6.00
N GLY A 28 -6.23 15.99 -6.70
CA GLY A 28 -5.19 16.78 -6.06
C GLY A 28 -4.02 17.06 -7.00
N ALA A 29 -2.79 16.90 -6.45
CA ALA A 29 -1.56 17.03 -7.22
C ALA A 29 -1.29 15.73 -7.99
N PHE A 30 -1.32 14.61 -7.24
CA PHE A 30 -1.28 13.26 -7.78
C PHE A 30 -2.15 13.11 -9.02
N GLY A 31 -3.27 13.85 -9.08
CA GLY A 31 -4.09 13.95 -10.29
C GLY A 31 -5.56 13.70 -9.99
N THR A 32 -6.13 12.65 -10.59
CA THR A 32 -7.49 12.22 -10.33
C THR A 32 -7.53 10.70 -10.38
N VAL A 33 -8.26 10.12 -9.44
CA VAL A 33 -8.62 8.71 -9.48
C VAL A 33 -10.15 8.63 -9.58
N TYR A 34 -10.62 7.74 -10.46
CA TYR A 34 -12.03 7.47 -10.64
C TYR A 34 -12.31 6.00 -10.30
N LYS A 35 -13.58 5.67 -10.01
CA LYS A 35 -14.01 4.28 -10.03
C LYS A 35 -14.78 4.06 -11.33
N GLY A 36 -14.82 2.82 -11.80
CA GLY A 36 -15.47 2.52 -13.06
C GLY A 36 -15.71 1.04 -13.20
N LEU A 37 -16.23 0.62 -14.35
CA LEU A 37 -16.35 -0.78 -14.68
C LEU A 37 -15.58 -0.96 -15.98
N TRP A 38 -14.90 -2.09 -16.08
CA TRP A 38 -14.17 -2.46 -17.25
C TRP A 38 -14.85 -3.70 -17.81
N ILE A 39 -15.33 -3.61 -19.05
CA ILE A 39 -16.08 -4.68 -19.68
C ILE A 39 -15.29 -5.10 -20.90
N PRO A 40 -14.28 -5.98 -20.75
CA PRO A 40 -13.53 -6.42 -21.91
C PRO A 40 -14.47 -6.99 -22.97
N GLU A 41 -14.16 -6.75 -24.24
CA GLU A 41 -15.15 -6.95 -25.28
C GLU A 41 -15.27 -8.44 -25.57
N GLY A 42 -16.52 -8.91 -25.60
CA GLY A 42 -16.82 -10.32 -25.78
C GLY A 42 -16.16 -11.13 -24.69
N GLU A 43 -16.60 -10.90 -23.45
CA GLU A 43 -16.12 -11.61 -22.27
C GLU A 43 -17.27 -12.02 -21.36
N LYS A 44 -18.28 -11.15 -21.23
CA LYS A 44 -19.42 -11.36 -20.36
C LYS A 44 -18.94 -11.22 -18.91
N VAL A 45 -18.01 -10.28 -18.69
CA VAL A 45 -17.54 -9.93 -17.36
C VAL A 45 -17.55 -8.41 -17.25
N LYS A 46 -17.82 -7.93 -16.03
CA LYS A 46 -17.64 -6.54 -15.67
C LYS A 46 -16.70 -6.51 -14.47
N ILE A 47 -15.60 -5.76 -14.60
CA ILE A 47 -14.55 -5.78 -13.61
C ILE A 47 -14.49 -4.41 -12.97
N PRO A 48 -14.82 -4.31 -11.67
CA PRO A 48 -14.66 -3.04 -10.96
C PRO A 48 -13.21 -2.60 -10.97
N VAL A 49 -13.00 -1.31 -11.29
CA VAL A 49 -11.67 -0.77 -11.51
C VAL A 49 -11.61 0.62 -10.90
N ALA A 50 -10.38 0.99 -10.52
CA ALA A 50 -9.99 2.38 -10.36
C ALA A 50 -9.10 2.78 -11.53
N ILE A 51 -9.06 4.09 -11.77
CA ILE A 51 -8.51 4.67 -12.99
C ILE A 51 -7.75 5.93 -12.58
N LYS A 52 -6.43 5.96 -12.77
CA LYS A 52 -5.66 7.12 -12.33
C LYS A 52 -5.13 7.91 -13.53
N GLU A 53 -5.52 9.20 -13.63
CA GLU A 53 -5.00 10.10 -14.65
C GLU A 53 -4.48 11.39 -14.00
N LEU A 54 -3.53 12.03 -14.69
CA LEU A 54 -3.06 13.36 -14.30
C LEU A 54 -3.92 14.41 -15.00
N ARG A 55 -3.62 15.69 -14.75
CA ARG A 55 -4.51 16.76 -15.16
C ARG A 55 -4.51 16.89 -16.69
N GLU A 56 -3.33 17.13 -17.29
CA GLU A 56 -3.21 17.54 -18.68
C GLU A 56 -2.37 16.56 -19.50
N ALA A 57 -2.63 16.53 -20.82
CA ALA A 57 -1.88 15.74 -21.79
C ALA A 57 -0.47 16.27 -21.99
N THR A 58 -0.18 17.44 -21.38
CA THR A 58 1.12 18.10 -21.49
C THR A 58 2.05 17.54 -20.42
N SER A 59 2.98 18.37 -19.93
CA SER A 59 3.97 17.95 -18.95
C SER A 59 4.55 16.61 -19.37
N PRO A 60 5.38 16.54 -20.44
CA PRO A 60 6.07 15.31 -20.80
C PRO A 60 6.74 14.61 -19.62
N LYS A 61 7.14 15.38 -18.60
CA LYS A 61 7.55 14.86 -17.30
C LYS A 61 6.49 13.92 -16.73
N ALA A 62 5.21 14.33 -16.81
CA ALA A 62 4.10 13.68 -16.13
C ALA A 62 3.80 12.28 -16.70
N ASN A 63 3.81 12.15 -18.03
CA ASN A 63 3.59 10.87 -18.69
C ASN A 63 4.78 9.94 -18.46
N LYS A 64 5.96 10.52 -18.24
CA LYS A 64 7.15 9.79 -17.89
C LYS A 64 6.99 9.19 -16.49
N GLU A 65 6.52 10.00 -15.54
CA GLU A 65 6.34 9.55 -14.17
C GLU A 65 5.30 8.44 -14.12
N ILE A 66 4.17 8.63 -14.82
CA ILE A 66 3.06 7.72 -14.68
C ILE A 66 3.37 6.41 -15.41
N LEU A 67 4.24 6.44 -16.43
CA LEU A 67 4.55 5.22 -17.14
C LEU A 67 5.61 4.47 -16.36
N ASP A 68 6.46 5.21 -15.63
CA ASP A 68 7.36 4.62 -14.65
C ASP A 68 6.57 3.84 -13.62
N GLU A 69 5.44 4.39 -13.18
CA GLU A 69 4.60 3.75 -12.20
C GLU A 69 3.96 2.50 -12.82
N ALA A 70 3.48 2.64 -14.07
CA ALA A 70 2.84 1.55 -14.79
C ALA A 70 3.81 0.38 -14.95
N TYR A 71 5.06 0.70 -15.33
CA TYR A 71 6.05 -0.33 -15.48
C TYR A 71 6.07 -1.18 -14.20
N VAL A 72 6.18 -0.53 -13.03
CA VAL A 72 6.38 -1.24 -11.78
C VAL A 72 5.12 -2.04 -11.42
N MET A 73 3.96 -1.39 -11.50
CA MET A 73 2.70 -2.05 -11.18
C MET A 73 2.37 -3.22 -12.10
N ALA A 74 2.88 -3.23 -13.34
CA ALA A 74 2.63 -4.33 -14.25
C ALA A 74 3.54 -5.51 -13.95
N SER A 75 4.61 -5.23 -13.23
CA SER A 75 5.62 -6.25 -13.05
C SER A 75 5.44 -6.97 -11.71
N VAL A 76 4.35 -6.70 -10.99
CA VAL A 76 4.15 -7.38 -9.72
C VAL A 76 2.91 -8.29 -9.77
N ASP A 77 2.98 -9.38 -9.01
CA ASP A 77 1.80 -10.23 -8.90
C ASP A 77 1.84 -10.96 -7.56
N ASN A 78 1.03 -10.48 -6.61
CA ASN A 78 1.07 -11.03 -5.27
C ASN A 78 -0.25 -10.66 -4.59
N PRO A 79 -0.83 -11.54 -3.73
CA PRO A 79 -2.07 -11.21 -3.05
C PRO A 79 -2.01 -9.96 -2.23
N HIS A 80 -0.81 -9.51 -1.80
CA HIS A 80 -0.74 -8.31 -0.98
C HIS A 80 -0.15 -7.10 -1.68
N VAL A 81 -0.19 -7.11 -3.02
CA VAL A 81 0.24 -5.97 -3.81
C VAL A 81 -0.76 -5.73 -4.94
N CYS A 82 -1.04 -4.46 -5.22
CA CYS A 82 -1.93 -4.04 -6.29
C CYS A 82 -1.22 -4.11 -7.65
N ARG A 83 -1.81 -4.81 -8.63
CA ARG A 83 -1.17 -4.91 -9.94
C ARG A 83 -1.96 -4.11 -10.98
N LEU A 84 -1.24 -3.68 -12.03
CA LEU A 84 -1.85 -2.97 -13.14
C LEU A 84 -2.68 -3.91 -14.01
N LEU A 85 -3.94 -3.55 -14.27
CA LEU A 85 -4.72 -4.29 -15.27
C LEU A 85 -4.29 -3.88 -16.69
N GLY A 86 -4.15 -2.59 -16.92
CA GLY A 86 -3.54 -2.13 -18.15
C GLY A 86 -3.46 -0.60 -18.17
N ILE A 87 -3.11 -0.06 -19.35
CA ILE A 87 -3.20 1.38 -19.49
C ILE A 87 -4.19 1.73 -20.60
N CYS A 88 -4.67 2.97 -20.53
CA CYS A 88 -5.49 3.55 -21.57
C CYS A 88 -4.78 4.80 -22.07
N LEU A 89 -4.58 4.86 -23.40
CA LEU A 89 -3.86 5.97 -24.03
C LEU A 89 -4.87 6.90 -24.66
N THR A 90 -5.25 7.93 -23.90
CA THR A 90 -6.20 8.93 -24.35
C THR A 90 -5.41 10.21 -24.57
N SER A 91 -6.12 11.34 -24.59
CA SER A 91 -5.47 12.61 -24.37
C SER A 91 -4.44 12.48 -23.26
N THR A 92 -4.83 11.84 -22.13
CA THR A 92 -3.94 11.63 -20.99
C THR A 92 -3.65 10.14 -20.85
N VAL A 93 -2.56 9.80 -20.15
CA VAL A 93 -2.27 8.40 -19.86
C VAL A 93 -3.00 8.02 -18.58
N GLN A 94 -3.85 6.99 -18.66
CA GLN A 94 -4.64 6.49 -17.54
C GLN A 94 -4.18 5.10 -17.14
N LEU A 95 -3.89 4.94 -15.83
CA LEU A 95 -3.58 3.66 -15.22
C LEU A 95 -4.86 3.01 -14.71
N ILE A 96 -4.97 1.69 -14.92
CA ILE A 96 -6.19 0.97 -14.63
C ILE A 96 -5.83 -0.19 -13.70
N THR A 97 -6.55 -0.28 -12.57
CA THR A 97 -6.27 -1.35 -11.61
C THR A 97 -7.53 -1.78 -10.92
N GLN A 98 -7.45 -2.93 -10.24
CA GLN A 98 -8.54 -3.46 -9.43
C GLN A 98 -9.00 -2.42 -8.42
N LEU A 99 -10.31 -2.18 -8.41
CA LEU A 99 -10.91 -1.28 -7.45
C LEU A 99 -10.80 -1.89 -6.05
N MET A 100 -10.35 -1.07 -5.10
CA MET A 100 -10.20 -1.48 -3.71
C MET A 100 -11.24 -0.70 -2.92
N PRO A 101 -12.48 -1.24 -2.82
CA PRO A 101 -13.63 -0.39 -2.54
C PRO A 101 -13.62 0.27 -1.16
N PHE A 102 -12.84 -0.22 -0.20
CA PHE A 102 -12.85 0.38 1.12
C PHE A 102 -11.81 1.49 1.25
N GLY A 103 -11.06 1.75 0.18
CA GLY A 103 -10.15 2.87 0.14
C GLY A 103 -8.83 2.58 0.86
N CYS A 104 -8.17 3.68 1.27
CA CYS A 104 -6.85 3.58 1.85
C CYS A 104 -6.99 3.29 3.35
N LEU A 105 -5.99 2.59 3.90
CA LEU A 105 -6.06 2.02 5.23
C LEU A 105 -5.97 3.13 6.28
N LEU A 106 -5.23 4.21 5.97
CA LEU A 106 -5.14 5.34 6.89
C LEU A 106 -6.53 5.88 7.20
N ASP A 107 -7.27 6.22 6.15
CA ASP A 107 -8.62 6.70 6.30
C ASP A 107 -9.48 5.64 6.97
N TYR A 108 -9.28 4.38 6.60
CA TYR A 108 -10.14 3.33 7.12
C TYR A 108 -9.97 3.22 8.64
N VAL A 109 -8.74 3.36 9.15
CA VAL A 109 -8.55 3.10 10.56
C VAL A 109 -9.14 4.28 11.32
N ARG A 110 -9.02 5.47 10.74
CA ARG A 110 -9.58 6.68 11.32
C ARG A 110 -11.09 6.59 11.47
N GLU A 111 -11.77 6.15 10.42
CA GLU A 111 -13.22 6.26 10.36
C GLU A 111 -13.88 5.07 11.04
N HIS A 112 -13.12 3.99 11.30
CA HIS A 112 -13.71 2.79 11.85
C HIS A 112 -12.99 2.37 13.15
N LYS A 113 -12.31 3.31 13.79
CA LYS A 113 -11.59 3.07 15.03
C LYS A 113 -12.40 2.15 15.95
N ASP A 114 -13.68 2.46 16.15
CA ASP A 114 -14.47 1.84 17.21
C ASP A 114 -14.79 0.37 16.90
N ASN A 115 -14.51 -0.08 15.68
CA ASN A 115 -14.86 -1.44 15.29
C ASN A 115 -13.63 -2.25 14.89
N ILE A 116 -12.44 -1.69 15.10
CA ILE A 116 -11.21 -2.36 14.70
C ILE A 116 -10.59 -3.00 15.94
N GLY A 117 -10.65 -4.32 15.97
CA GLY A 117 -10.02 -5.10 17.02
C GLY A 117 -8.62 -5.62 16.66
N SER A 118 -8.00 -6.20 17.68
CA SER A 118 -6.64 -6.68 17.67
C SER A 118 -6.36 -7.61 16.50
N GLN A 119 -7.33 -8.45 16.16
CA GLN A 119 -7.14 -9.47 15.15
C GLN A 119 -6.95 -8.84 13.77
N TYR A 120 -7.66 -7.76 13.49
CA TYR A 120 -7.56 -7.04 12.24
C TYR A 120 -6.21 -6.33 12.14
N LEU A 121 -5.84 -5.62 13.20
CA LEU A 121 -4.58 -4.89 13.21
C LEU A 121 -3.40 -5.82 12.92
N LEU A 122 -3.34 -6.95 13.60
CA LEU A 122 -2.19 -7.83 13.52
C LEU A 122 -2.20 -8.51 12.15
N ASN A 123 -3.38 -8.90 11.67
CA ASN A 123 -3.50 -9.49 10.35
C ASN A 123 -3.04 -8.49 9.28
N TRP A 124 -3.43 -7.22 9.41
CA TRP A 124 -2.93 -6.24 8.45
C TRP A 124 -1.42 -6.20 8.47
N CYS A 125 -0.85 -6.29 9.69
CA CYS A 125 0.59 -6.16 9.84
C CYS A 125 1.25 -7.32 9.10
N VAL A 126 0.69 -8.52 9.27
CA VAL A 126 1.17 -9.70 8.56
C VAL A 126 1.12 -9.50 7.04
N GLN A 127 -0.01 -8.98 6.53
CA GLN A 127 -0.26 -8.93 5.11
C GLN A 127 0.66 -7.90 4.42
N ILE A 128 0.85 -6.76 5.07
CA ILE A 128 1.75 -5.73 4.59
C ILE A 128 3.17 -6.28 4.57
N ALA A 129 3.51 -7.13 5.56
CA ALA A 129 4.83 -7.71 5.61
C ALA A 129 5.01 -8.71 4.47
N LYS A 130 3.96 -9.50 4.19
CA LYS A 130 4.02 -10.41 3.07
C LYS A 130 4.23 -9.63 1.77
N GLY A 131 3.47 -8.55 1.61
CA GLY A 131 3.55 -7.72 0.43
C GLY A 131 4.98 -7.22 0.23
N MET A 132 5.56 -6.72 1.33
CA MET A 132 6.85 -6.08 1.30
C MET A 132 7.92 -7.13 1.06
N ASN A 133 7.75 -8.29 1.65
CA ASN A 133 8.68 -9.37 1.39
C ASN A 133 8.68 -9.74 -0.09
N TYR A 134 7.48 -9.80 -0.69
CA TYR A 134 7.34 -10.18 -2.09
C TYR A 134 8.08 -9.14 -2.92
N LEU A 135 7.85 -7.86 -2.62
CA LEU A 135 8.56 -6.81 -3.30
C LEU A 135 10.08 -6.99 -3.17
N GLU A 136 10.58 -7.48 -2.02
CA GLU A 136 12.02 -7.63 -1.85
C GLU A 136 12.56 -8.75 -2.74
N ASP A 137 11.86 -9.88 -2.77
CA ASP A 137 12.17 -11.02 -3.59
C ASP A 137 12.27 -10.65 -5.07
N ARG A 138 11.55 -9.58 -5.47
CA ARG A 138 11.53 -9.04 -6.82
C ARG A 138 12.45 -7.82 -6.89
N ARG A 139 13.24 -7.61 -5.84
CA ARG A 139 14.34 -6.67 -5.85
C ARG A 139 13.83 -5.25 -5.95
N LEU A 140 12.61 -5.01 -5.51
CA LEU A 140 12.04 -3.67 -5.53
C LEU A 140 12.15 -3.08 -4.13
N VAL A 141 12.44 -1.77 -4.10
CA VAL A 141 12.41 -0.92 -2.93
C VAL A 141 11.28 0.05 -3.19
N HIS A 142 10.28 0.08 -2.29
CA HIS A 142 9.06 0.81 -2.52
C HIS A 142 9.30 2.31 -2.37
N ARG A 143 9.95 2.66 -1.23
CA ARG A 143 10.33 4.03 -0.87
C ARG A 143 9.15 4.91 -0.45
N ASP A 144 7.92 4.40 -0.45
CA ASP A 144 6.83 5.24 0.05
C ASP A 144 5.80 4.40 0.83
N LEU A 145 6.25 3.38 1.57
CA LEU A 145 5.35 2.62 2.42
C LEU A 145 4.85 3.54 3.54
N ALA A 146 3.52 3.63 3.61
CA ALA A 146 2.80 4.47 4.52
C ALA A 146 1.38 3.92 4.55
N ALA A 147 0.59 4.21 5.59
CA ALA A 147 -0.75 3.64 5.63
C ALA A 147 -1.62 4.22 4.50
N ARG A 148 -1.34 5.47 4.08
CA ARG A 148 -2.02 6.06 2.93
C ARG A 148 -1.78 5.22 1.66
N ASN A 149 -0.69 4.46 1.59
CA ASN A 149 -0.32 3.70 0.39
C ASN A 149 -0.64 2.22 0.50
N VAL A 150 -1.59 1.91 1.39
CA VAL A 150 -2.11 0.56 1.54
C VAL A 150 -3.61 0.67 1.33
N LEU A 151 -4.17 -0.22 0.51
CA LEU A 151 -5.57 -0.15 0.12
C LEU A 151 -6.30 -1.33 0.70
N VAL A 152 -7.62 -1.17 0.86
CA VAL A 152 -8.44 -2.19 1.49
C VAL A 152 -9.44 -2.76 0.48
N LYS A 153 -9.20 -4.01 0.06
CA LYS A 153 -10.08 -4.73 -0.84
C LYS A 153 -11.34 -5.12 -0.06
N THR A 154 -11.16 -5.83 1.05
CA THR A 154 -12.12 -6.03 2.14
C THR A 154 -11.42 -5.75 3.47
N PRO A 155 -12.15 -5.59 4.60
CA PRO A 155 -11.51 -5.37 5.90
C PRO A 155 -10.53 -6.48 6.25
N GLN A 156 -10.73 -7.66 5.65
CA GLN A 156 -9.87 -8.82 5.82
C GLN A 156 -8.66 -8.83 4.87
N HIS A 157 -8.56 -7.92 3.89
CA HIS A 157 -7.62 -8.13 2.80
C HIS A 157 -7.11 -6.80 2.27
N VAL A 158 -5.86 -6.47 2.65
CA VAL A 158 -5.22 -5.24 2.24
C VAL A 158 -4.10 -5.56 1.26
N LYS A 159 -3.68 -4.50 0.52
CA LYS A 159 -2.65 -4.59 -0.50
C LYS A 159 -1.89 -3.25 -0.61
N ILE A 160 -0.58 -3.36 -0.81
CA ILE A 160 0.29 -2.21 -1.02
C ILE A 160 0.11 -1.65 -2.44
N THR A 161 0.07 -0.32 -2.56
CA THR A 161 0.02 0.33 -3.86
C THR A 161 0.98 1.52 -3.88
N ASP A 162 0.81 2.36 -4.93
CA ASP A 162 1.51 3.64 -5.08
C ASP A 162 3.00 3.40 -5.26
N PHE A 163 3.33 2.85 -6.45
CA PHE A 163 4.69 2.51 -6.83
C PHE A 163 5.42 3.63 -7.57
N GLY A 164 4.92 4.86 -7.46
CA GLY A 164 5.49 6.00 -8.17
C GLY A 164 6.87 6.43 -7.68
N LEU A 165 7.41 5.81 -6.61
CA LEU A 165 8.77 6.10 -6.18
C LEU A 165 9.57 4.82 -6.09
N ALA A 166 8.97 3.69 -6.48
CA ALA A 166 9.66 2.42 -6.34
C ALA A 166 10.81 2.33 -7.34
N LYS A 167 11.87 1.61 -6.95
CA LYS A 167 13.04 1.43 -7.79
C LYS A 167 13.48 -0.01 -7.67
N LEU A 168 13.87 -0.59 -8.81
CA LEU A 168 14.51 -1.89 -8.86
C LEU A 168 15.93 -1.75 -8.34
N LEU A 169 16.66 -2.88 -8.29
CA LEU A 169 18.05 -2.90 -7.88
C LEU A 169 18.78 -3.94 -8.72
N GLY A 170 19.90 -3.54 -9.34
CA GLY A 170 20.65 -4.39 -10.25
C GLY A 170 20.98 -5.75 -9.62
N ALA A 171 21.40 -6.70 -10.47
CA ALA A 171 21.61 -8.08 -10.05
C ALA A 171 22.57 -8.17 -8.86
N GLU A 172 23.45 -7.16 -8.68
CA GLU A 172 24.42 -7.14 -7.59
C GLU A 172 24.55 -5.73 -6.99
N GLU A 173 23.43 -4.99 -6.91
CA GLU A 173 23.39 -3.66 -6.32
C GLU A 173 22.55 -3.70 -5.04
N LYS A 174 22.88 -2.86 -4.05
CA LYS A 174 22.30 -2.93 -2.70
C LYS A 174 21.50 -1.66 -2.38
N GLU A 175 22.13 -0.49 -2.57
CA GLU A 175 21.54 0.80 -2.25
C GLU A 175 21.03 1.47 -3.53
N TYR A 176 19.84 2.08 -3.47
CA TYR A 176 19.46 3.09 -4.44
C TYR A 176 19.97 4.42 -3.88
N HIS A 177 20.50 5.26 -4.79
CA HIS A 177 20.92 6.62 -4.50
C HIS A 177 20.02 7.57 -5.31
N ALA A 178 19.11 8.28 -4.62
CA ALA A 178 18.17 9.20 -5.26
C ALA A 178 18.76 10.61 -5.33
N GLU A 179 17.94 11.58 -5.73
CA GLU A 179 18.36 12.99 -5.80
C GLU A 179 17.13 13.89 -5.96
N GLY A 180 16.91 14.81 -5.00
CA GLY A 180 15.86 15.81 -5.12
C GLY A 180 14.45 15.21 -5.12
N GLY A 181 13.45 16.06 -5.36
CA GLY A 181 12.05 15.67 -5.36
C GLY A 181 11.46 15.65 -3.95
N LYS A 182 10.15 15.90 -3.83
CA LYS A 182 9.46 15.88 -2.54
C LYS A 182 9.48 14.48 -1.95
N VAL A 183 9.73 14.39 -0.64
CA VAL A 183 10.02 13.12 0.01
C VAL A 183 9.19 13.00 1.28
N PRO A 184 8.78 11.75 1.62
CA PRO A 184 8.02 11.48 2.85
C PRO A 184 8.97 11.34 4.06
N ILE A 185 9.42 12.48 4.56
CA ILE A 185 10.53 12.51 5.51
C ILE A 185 10.17 11.77 6.81
N LYS A 186 8.91 11.84 7.22
CA LYS A 186 8.51 11.26 8.48
C LYS A 186 8.43 9.74 8.44
N TRP A 187 8.60 9.13 7.27
CA TRP A 187 8.50 7.69 7.11
C TRP A 187 9.85 7.12 6.76
N MET A 188 10.87 7.99 6.69
CA MET A 188 12.14 7.60 6.11
C MET A 188 13.17 7.25 7.19
N ALA A 189 13.95 6.23 6.86
CA ALA A 189 15.13 5.87 7.59
C ALA A 189 16.04 7.09 7.69
N LEU A 190 16.89 7.11 8.73
CA LEU A 190 17.79 8.22 8.92
C LEU A 190 18.76 8.31 7.74
N GLU A 191 19.29 7.17 7.30
CA GLU A 191 20.27 7.13 6.23
C GLU A 191 19.67 7.66 4.92
N SER A 192 18.35 7.55 4.76
CA SER A 192 17.67 8.04 3.57
C SER A 192 17.58 9.56 3.63
N ILE A 193 17.30 10.10 4.81
CA ILE A 193 17.22 11.54 4.97
C ILE A 193 18.59 12.18 4.80
N LEU A 194 19.65 11.51 5.24
CA LEU A 194 20.97 12.12 5.37
C LEU A 194 21.75 11.98 4.07
N HIS A 195 21.61 10.81 3.43
CA HIS A 195 22.49 10.36 2.38
C HIS A 195 21.74 9.85 1.14
N ARG A 196 20.39 9.99 1.16
CA ARG A 196 19.51 9.52 0.10
C ARG A 196 19.81 8.07 -0.28
N ILE A 197 20.26 7.28 0.70
CA ILE A 197 20.41 5.84 0.58
C ILE A 197 19.03 5.19 0.84
N TYR A 198 18.71 4.14 0.07
CA TYR A 198 17.44 3.45 0.15
C TYR A 198 17.64 1.97 -0.11
N THR A 199 17.20 1.12 0.83
CA THR A 199 17.38 -0.32 0.71
C THR A 199 16.09 -1.01 1.14
N HIS A 200 16.10 -2.34 1.04
CA HIS A 200 15.05 -3.16 1.65
C HIS A 200 14.91 -2.79 3.13
N GLN A 201 16.05 -2.54 3.80
CA GLN A 201 16.12 -2.20 5.22
C GLN A 201 15.62 -0.80 5.51
N SER A 202 15.74 0.16 4.58
CA SER A 202 15.09 1.46 4.75
C SER A 202 13.57 1.33 4.65
N ASP A 203 13.10 0.35 3.87
CA ASP A 203 11.68 0.07 3.76
C ASP A 203 11.16 -0.50 5.10
N VAL A 204 11.97 -1.28 5.79
CA VAL A 204 11.57 -1.79 7.09
C VAL A 204 11.30 -0.62 8.03
N TRP A 205 12.15 0.40 8.00
CA TRP A 205 11.93 1.57 8.81
C TRP A 205 10.53 2.10 8.55
N SER A 206 10.17 2.16 7.27
CA SER A 206 8.91 2.78 6.88
C SER A 206 7.73 1.91 7.33
N TYR A 207 7.91 0.58 7.27
CA TYR A 207 6.95 -0.37 7.79
C TYR A 207 6.67 -0.11 9.27
N GLY A 208 7.74 0.14 10.03
CA GLY A 208 7.62 0.49 11.43
C GLY A 208 6.69 1.66 11.65
N VAL A 209 6.93 2.72 10.87
CA VAL A 209 6.13 3.92 11.02
C VAL A 209 4.70 3.59 10.62
N THR A 210 4.55 2.72 9.61
CA THR A 210 3.23 2.40 9.10
C THR A 210 2.45 1.65 10.20
N VAL A 211 3.13 0.73 10.90
CA VAL A 211 2.49 -0.05 11.96
C VAL A 211 2.07 0.91 13.08
N TRP A 212 2.90 1.91 13.38
CA TRP A 212 2.57 2.94 14.34
C TRP A 212 1.30 3.68 13.98
N GLU A 213 1.14 3.96 12.69
CA GLU A 213 -0.05 4.65 12.21
C GLU A 213 -1.28 3.79 12.49
N LEU A 214 -1.18 2.48 12.24
CA LEU A 214 -2.34 1.62 12.42
C LEU A 214 -2.69 1.52 13.91
N MET A 215 -1.68 1.38 14.76
CA MET A 215 -1.86 1.05 16.15
C MET A 215 -2.35 2.28 16.89
N THR A 216 -2.15 3.49 16.31
CA THR A 216 -2.70 4.71 16.87
C THR A 216 -4.00 5.11 16.17
N PHE A 217 -4.57 4.22 15.35
CA PHE A 217 -5.80 4.50 14.62
C PHE A 217 -5.63 5.74 13.73
N GLY A 218 -4.43 5.85 13.14
CA GLY A 218 -4.18 6.83 12.10
C GLY A 218 -3.75 8.16 12.70
N SER A 219 -2.88 8.14 13.71
CA SER A 219 -2.32 9.39 14.19
C SER A 219 -1.23 9.84 13.25
N LYS A 220 -0.91 11.14 13.27
CA LYS A 220 0.10 11.70 12.40
C LYS A 220 1.42 11.63 13.14
N PRO A 221 2.46 11.01 12.55
CA PRO A 221 3.72 10.86 13.25
C PRO A 221 4.44 12.18 13.41
N TYR A 222 5.10 12.34 14.55
CA TYR A 222 5.79 13.56 14.93
C TYR A 222 4.89 14.76 14.66
N ASP A 223 3.62 14.67 15.05
CA ASP A 223 2.66 15.71 14.72
C ASP A 223 3.14 17.05 15.24
N GLY A 224 3.06 18.08 14.39
CA GLY A 224 3.45 19.43 14.76
C GLY A 224 4.96 19.68 14.65
N ILE A 225 5.77 18.63 14.55
CA ILE A 225 7.20 18.79 14.33
C ILE A 225 7.41 19.16 12.86
N PRO A 226 8.21 20.21 12.54
CA PRO A 226 8.53 20.53 11.15
C PRO A 226 9.50 19.51 10.55
N ALA A 227 9.27 19.18 9.28
CA ALA A 227 10.04 18.15 8.59
C ALA A 227 11.55 18.44 8.69
N SER A 228 11.91 19.72 8.67
CA SER A 228 13.32 20.09 8.67
C SER A 228 14.00 19.63 9.95
N GLU A 229 13.23 19.36 11.02
CA GLU A 229 13.82 19.03 12.31
C GLU A 229 13.95 17.51 12.53
N ILE A 230 13.38 16.70 11.64
CA ILE A 230 13.25 15.27 11.90
C ILE A 230 14.62 14.62 12.03
N SER A 231 15.56 14.85 11.11
CA SER A 231 16.84 14.18 11.19
C SER A 231 17.56 14.44 12.53
N SER A 232 17.27 15.58 13.18
CA SER A 232 17.95 15.93 14.42
C SER A 232 17.34 15.15 15.59
N ILE A 233 16.02 15.29 15.72
CA ILE A 233 15.21 14.47 16.61
C ILE A 233 15.74 13.03 16.56
N LEU A 234 15.88 12.47 15.36
CA LEU A 234 16.25 11.08 15.24
C LEU A 234 17.69 10.86 15.68
N GLU A 235 18.56 11.85 15.41
CA GLU A 235 19.99 11.67 15.68
C GLU A 235 20.22 11.60 17.19
N LYS A 236 19.45 12.44 17.91
CA LYS A 236 19.38 12.49 19.37
C LYS A 236 18.83 11.20 19.98
N GLY A 237 18.14 10.37 19.19
CA GLY A 237 17.72 9.03 19.62
C GLY A 237 16.22 8.97 19.96
N GLU A 238 15.51 10.09 19.77
CA GLU A 238 14.07 10.12 19.88
C GLU A 238 13.39 9.25 18.81
N ARG A 239 12.22 8.71 19.18
CA ARG A 239 11.47 7.82 18.31
C ARG A 239 10.00 8.02 18.61
N LEU A 240 9.16 7.50 17.75
CA LEU A 240 7.72 7.60 17.94
C LEU A 240 7.36 6.86 19.24
N PRO A 241 6.40 7.38 20.03
CA PRO A 241 6.06 6.80 21.33
C PRO A 241 5.22 5.53 21.24
N GLN A 242 5.21 4.76 22.34
CA GLN A 242 4.45 3.52 22.46
C GLN A 242 2.96 3.84 22.41
N PRO A 243 2.24 3.36 21.38
CA PRO A 243 0.80 3.54 21.37
C PRO A 243 0.13 2.85 22.55
N PRO A 244 -0.93 3.46 23.12
CA PRO A 244 -1.63 2.91 24.27
C PRO A 244 -2.00 1.44 24.15
N ILE A 245 -2.48 1.02 22.97
CA ILE A 245 -2.97 -0.34 22.83
C ILE A 245 -1.82 -1.34 22.73
N CYS A 246 -0.57 -0.90 22.62
CA CYS A 246 0.49 -1.85 22.26
C CYS A 246 1.13 -2.44 23.52
N THR A 247 1.21 -3.77 23.57
CA THR A 247 2.14 -4.40 24.48
C THR A 247 3.57 -4.03 24.11
N ILE A 248 4.47 -4.23 25.06
CA ILE A 248 5.89 -4.12 24.81
C ILE A 248 6.29 -5.03 23.64
N ASP A 249 5.66 -6.19 23.50
CA ASP A 249 5.98 -7.13 22.44
C ASP A 249 5.85 -6.49 21.05
N VAL A 250 4.77 -5.72 20.86
CA VAL A 250 4.53 -5.09 19.58
C VAL A 250 5.40 -3.85 19.40
N TYR A 251 5.50 -3.04 20.45
CA TYR A 251 6.26 -1.82 20.36
C TYR A 251 7.74 -2.12 20.17
N MET A 252 8.25 -3.18 20.76
CA MET A 252 9.65 -3.54 20.58
C MET A 252 9.91 -3.82 19.09
N ILE A 253 9.02 -4.56 18.43
CA ILE A 253 9.17 -4.81 17.00
C ILE A 253 9.25 -3.49 16.22
N MET A 254 8.35 -2.57 16.54
CA MET A 254 8.39 -1.26 15.93
C MET A 254 9.76 -0.63 16.12
N VAL A 255 10.28 -0.66 17.35
CA VAL A 255 11.51 0.02 17.69
C VAL A 255 12.70 -0.58 16.94
N LYS A 256 12.70 -1.91 16.79
CA LYS A 256 13.76 -2.60 16.08
C LYS A 256 13.80 -2.15 14.62
N CYS A 257 12.64 -1.72 14.07
CA CYS A 257 12.56 -1.23 12.69
C CYS A 257 13.23 0.12 12.59
N TRP A 258 13.55 0.76 13.72
CA TRP A 258 14.04 2.12 13.75
C TRP A 258 15.43 2.21 14.36
N MET A 259 16.15 1.09 14.31
CA MET A 259 17.56 1.06 14.65
C MET A 259 18.45 1.72 13.60
N ILE A 260 19.57 2.31 14.03
CA ILE A 260 20.48 3.05 13.16
C ILE A 260 21.18 2.06 12.23
N ASP A 261 21.62 0.94 12.79
CA ASP A 261 22.27 -0.05 11.97
C ASP A 261 21.17 -0.77 11.15
N ALA A 262 21.12 -0.41 9.87
CA ALA A 262 20.16 -0.94 8.93
C ALA A 262 20.06 -2.46 9.04
N ASP A 263 21.18 -3.15 9.07
CA ASP A 263 21.24 -4.61 9.09
C ASP A 263 20.77 -5.20 10.42
N SER A 264 20.63 -4.35 11.45
CA SER A 264 20.11 -4.81 12.73
C SER A 264 18.57 -4.79 12.71
N ARG A 265 17.96 -4.11 11.72
CA ARG A 265 16.51 -4.04 11.67
C ARG A 265 15.98 -5.43 11.29
N PRO A 266 14.72 -5.77 11.62
CA PRO A 266 14.15 -7.04 11.19
C PRO A 266 14.06 -7.12 9.66
N LYS A 267 14.11 -8.36 9.17
CA LYS A 267 13.75 -8.70 7.79
C LYS A 267 12.23 -8.90 7.72
N PHE A 268 11.66 -8.58 6.55
CA PHE A 268 10.24 -8.72 6.31
C PHE A 268 9.85 -10.15 6.60
N ARG A 269 10.69 -11.11 6.22
CA ARG A 269 10.33 -12.50 6.47
C ARG A 269 10.14 -12.72 7.98
N GLU A 270 10.85 -11.94 8.81
CA GLU A 270 10.83 -12.12 10.26
C GLU A 270 9.58 -11.45 10.80
N LEU A 271 9.23 -10.31 10.22
CA LEU A 271 8.04 -9.59 10.62
C LEU A 271 6.79 -10.42 10.35
N ILE A 272 6.80 -11.17 9.24
CA ILE A 272 5.70 -12.06 8.92
C ILE A 272 5.54 -13.07 10.06
N ILE A 273 6.65 -13.69 10.46
CA ILE A 273 6.64 -14.72 11.48
C ILE A 273 6.14 -14.13 12.82
N GLU A 274 6.73 -13.03 13.26
CA GLU A 274 6.38 -12.49 14.57
C GLU A 274 4.91 -12.08 14.60
N PHE A 275 4.44 -11.33 13.59
CA PHE A 275 3.07 -10.85 13.60
C PHE A 275 2.09 -12.01 13.47
N SER A 276 2.53 -13.08 12.79
N SER A 276 2.51 -13.08 12.80
CA SER A 276 1.71 -14.26 12.61
CA SER A 276 1.65 -14.24 12.62
C SER A 276 1.50 -14.98 13.94
C SER A 276 1.48 -14.98 13.95
N LYS A 277 2.56 -15.07 14.72
CA LYS A 277 2.51 -15.70 16.03
C LYS A 277 1.53 -14.90 16.88
N MET A 278 1.67 -13.57 16.86
CA MET A 278 0.83 -12.68 17.65
C MET A 278 -0.63 -12.79 17.22
N ALA A 279 -0.88 -13.00 15.93
CA ALA A 279 -2.24 -13.02 15.46
C ALA A 279 -2.99 -14.27 15.92
N ARG A 280 -2.30 -15.29 16.39
CA ARG A 280 -2.98 -16.48 16.91
C ARG A 280 -3.55 -16.22 18.30
N ASP A 281 -3.08 -15.17 19.00
CA ASP A 281 -3.64 -14.83 20.30
C ASP A 281 -3.62 -13.31 20.44
N PRO A 282 -4.46 -12.61 19.66
CA PRO A 282 -4.33 -11.18 19.48
C PRO A 282 -4.48 -10.34 20.73
N GLN A 283 -5.35 -10.76 21.66
CA GLN A 283 -5.62 -9.96 22.85
C GLN A 283 -4.45 -10.06 23.83
N ARG A 284 -3.55 -11.01 23.61
CA ARG A 284 -2.31 -11.02 24.36
C ARG A 284 -1.31 -9.95 23.92
N TYR A 285 -1.49 -9.33 22.74
CA TYR A 285 -0.47 -8.46 22.17
C TYR A 285 -0.98 -7.04 21.94
N LEU A 286 -2.30 -6.91 21.79
CA LEU A 286 -2.91 -5.60 21.71
C LEU A 286 -4.10 -5.55 22.67
N VAL A 287 -4.19 -4.43 23.38
CA VAL A 287 -5.15 -4.24 24.45
C VAL A 287 -6.09 -3.11 24.07
N ILE A 288 -7.26 -3.50 23.63
CA ILE A 288 -8.28 -2.62 23.10
C ILE A 288 -9.58 -2.86 23.88
N GLN A 289 -10.17 -1.78 24.42
CA GLN A 289 -11.36 -1.89 25.25
C GLN A 289 -12.56 -2.33 24.42
N GLY A 290 -13.18 -3.44 24.80
CA GLY A 290 -14.36 -3.92 24.12
C GLY A 290 -14.00 -4.56 22.78
N ASP A 291 -12.82 -5.18 22.76
CA ASP A 291 -12.22 -5.76 21.57
C ASP A 291 -13.07 -6.93 21.08
N GLU A 292 -13.34 -7.88 21.99
CA GLU A 292 -13.85 -9.19 21.61
C GLU A 292 -15.23 -9.11 20.94
N ARG A 293 -15.85 -7.92 20.86
CA ARG A 293 -17.24 -7.80 20.44
C ARG A 293 -17.40 -6.89 19.21
N MET A 294 -16.35 -6.77 18.39
CA MET A 294 -16.37 -5.90 17.22
C MET A 294 -16.52 -6.76 15.96
N HIS A 295 -17.17 -6.19 14.93
CA HIS A 295 -17.24 -6.81 13.61
C HIS A 295 -17.25 -5.76 12.51
N LEU A 296 -16.56 -6.07 11.40
CA LEU A 296 -16.50 -5.25 10.20
C LEU A 296 -17.04 -6.03 9.00
N PRO A 297 -17.45 -5.38 7.89
CA PRO A 297 -18.05 -6.11 6.76
C PRO A 297 -17.21 -7.26 6.22
N SER A 298 -17.84 -8.41 6.00
CA SER A 298 -17.21 -9.61 5.44
C SER A 298 -17.84 -9.92 4.06
N PRO A 299 -17.14 -10.60 3.11
CA PRO A 299 -17.74 -10.95 1.82
C PRO A 299 -19.05 -11.73 1.91
N THR A 300 -19.23 -12.46 3.02
CA THR A 300 -20.40 -13.29 3.26
C THR A 300 -21.50 -12.51 4.01
N ASP A 301 -21.74 -11.25 3.60
CA ASP A 301 -22.82 -10.42 4.13
C ASP A 301 -23.67 -9.93 2.96
N SER A 302 -24.94 -9.59 3.26
CA SER A 302 -25.95 -9.32 2.23
C SER A 302 -25.55 -8.13 1.37
N ASN A 303 -25.68 -6.92 1.95
CA ASN A 303 -25.42 -5.68 1.23
C ASN A 303 -23.92 -5.40 1.26
N PHE A 304 -23.13 -6.46 0.97
CA PHE A 304 -21.70 -6.33 0.76
C PHE A 304 -21.45 -6.06 -0.72
N TYR A 305 -22.18 -6.80 -1.58
CA TYR A 305 -22.08 -6.67 -3.03
C TYR A 305 -23.09 -5.65 -3.55
N ARG A 306 -24.07 -5.27 -2.71
CA ARG A 306 -25.07 -4.28 -3.07
C ARG A 306 -24.66 -2.88 -2.61
N ALA A 307 -23.71 -2.80 -1.67
CA ALA A 307 -23.24 -1.52 -1.16
C ALA A 307 -22.26 -0.87 -2.16
N LEU A 308 -21.66 -1.70 -3.04
CA LEU A 308 -20.77 -1.20 -4.08
C LEU A 308 -21.57 -0.99 -5.37
N MET A 309 -22.23 -2.06 -5.83
CA MET A 309 -22.66 -2.19 -7.22
C MET A 309 -24.07 -1.65 -7.44
N ASP A 310 -24.36 -1.36 -8.71
CA ASP A 310 -25.73 -1.31 -9.22
C ASP A 310 -26.18 -2.75 -9.49
N GLU A 311 -27.47 -2.99 -9.30
CA GLU A 311 -28.07 -4.32 -9.43
C GLU A 311 -28.17 -4.68 -10.91
N GLU A 312 -28.30 -3.66 -11.76
CA GLU A 312 -28.22 -3.80 -13.21
C GLU A 312 -26.99 -4.61 -13.60
N ASP A 313 -25.85 -4.30 -12.96
CA ASP A 313 -24.54 -4.82 -13.33
C ASP A 313 -24.32 -6.21 -12.73
N MET A 314 -24.77 -6.39 -11.48
CA MET A 314 -24.24 -7.39 -10.56
C MET A 314 -24.12 -8.78 -11.17
N ASP A 315 -24.94 -9.11 -12.18
CA ASP A 315 -25.01 -10.47 -12.71
C ASP A 315 -23.62 -11.00 -13.04
N ASP A 316 -22.83 -10.16 -13.72
CA ASP A 316 -21.64 -10.62 -14.37
C ASP A 316 -20.38 -9.97 -13.78
N VAL A 317 -20.49 -9.37 -12.58
CA VAL A 317 -19.34 -8.74 -11.93
C VAL A 317 -18.35 -9.85 -11.57
N VAL A 318 -17.05 -9.58 -11.76
CA VAL A 318 -16.00 -10.51 -11.41
C VAL A 318 -14.91 -9.62 -10.83
N ASP A 319 -14.41 -9.98 -9.64
CA ASP A 319 -13.30 -9.24 -9.09
C ASP A 319 -12.07 -9.48 -9.96
N ALA A 320 -11.22 -8.46 -10.09
CA ALA A 320 -9.97 -8.60 -10.82
C ALA A 320 -9.12 -9.77 -10.33
N ASP A 321 -9.16 -10.12 -9.02
CA ASP A 321 -8.42 -11.26 -8.53
C ASP A 321 -8.93 -12.58 -9.09
N GLU A 322 -10.15 -12.62 -9.64
CA GLU A 322 -10.62 -13.82 -10.30
C GLU A 322 -10.59 -13.68 -11.82
N TYR A 323 -10.00 -12.62 -12.38
CA TYR A 323 -9.96 -12.45 -13.83
C TYR A 323 -8.53 -12.57 -14.32
N LEU A 324 -8.18 -13.70 -14.93
CA LEU A 324 -6.80 -13.98 -15.30
C LEU A 324 -6.77 -14.18 -16.81
N ILE A 325 -5.62 -13.91 -17.46
CA ILE A 325 -5.55 -14.04 -18.92
C ILE A 325 -4.32 -14.88 -19.30
N PRO A 326 -4.35 -15.57 -20.48
CA PRO A 326 -3.38 -16.60 -20.84
C PRO A 326 -2.00 -16.41 -20.23
C4 A1IHD B . -7.65 9.01 -1.49
C14 A1IHD B . -2.86 3.57 -9.24
C5 A1IHD B . -8.70 7.93 -1.50
C6 A1IHD B . -8.26 7.04 -2.66
C11 A1IHD B . -4.74 3.89 -7.26
C7 A1IHD B . -9.17 5.11 -3.83
C8 A1IHD B . -8.04 4.84 -4.57
C9 A1IHD B . -7.89 3.58 -5.21
C10 A1IHD B . -6.78 3.18 -6.02
C12 A1IHD B . -3.39 4.05 -6.98
C13 A1IHD B . -2.45 3.88 -7.97
N1 A1IHD B . -7.35 9.20 -2.93
N2 A1IHD B . -5.72 4.03 -6.25
C3 A1IHD B . -6.76 10.29 -3.48
N3 A1IHD B . -6.72 1.96 -6.54
C1 A1IHD B . -6.15 11.33 -5.56
C2 A1IHD B . -6.27 10.28 -4.76
O1 A1IHD B . -6.73 11.33 -2.82
O2 A1IHD B . -9.39 6.29 -3.18
F1 A1IHD B . -1.95 3.39 -10.22
C15 A1IHD B . -4.19 3.39 -9.55
CL1 A1IHD B . -4.68 2.97 -11.15
C16 A1IHD B . -5.15 3.55 -8.55
C17 A1IHD B . -7.79 1.16 -6.32
N4 A1IHD B . -8.88 1.39 -5.64
C18 A1IHD B . -8.95 2.64 -5.09
C19 A1IHD B . -10.07 2.95 -4.29
C20 A1IHD B . -10.17 4.14 -3.67
O3 A1IHD B . -11.24 4.54 -2.93
C21 A1IHD B . -12.42 3.77 -2.98
C22 A1IHD B . -7.81 8.03 -3.72
H1 A1IHD B . -7.99 9.84 -1.11
H2 A1IHD B . -6.85 8.73 -1.00
H3 A1IHD B . -9.60 8.29 -1.66
H4 A1IHD B . -8.70 7.43 -0.65
H5 A1IHD B . -7.52 6.44 -2.40
H6 A1IHD B . -7.38 5.49 -4.66
H7 A1IHD B . -3.13 4.27 -6.11
H8 A1IHD B . -1.53 4.01 -7.78
H9 A1IHD B . -5.62 4.70 -5.74
H10 A1IHD B . -5.78 11.23 -6.42
H11 A1IHD B . -6.45 12.19 -5.26
H12 A1IHD B . -5.97 9.47 -5.11
H13 A1IHD B . -6.05 3.43 -8.76
H14 A1IHD B . -7.74 0.31 -6.73
H15 A1IHD B . -10.75 2.30 -4.19
H16 A1IHD B . -12.69 3.64 -3.91
H17 A1IHD B . -13.13 4.22 -2.50
H18 A1IHD B . -12.26 2.90 -2.58
H19 A1IHD B . -8.56 8.28 -4.31
H20 A1IHD B . -7.08 7.66 -4.27
#